data_1Q7L
#
_entry.id   1Q7L
#
_cell.length_a   53.528
_cell.length_b   67.249
_cell.length_c   146.479
_cell.angle_alpha   90.00
_cell.angle_beta   90.00
_cell.angle_gamma   90.00
#
_symmetry.space_group_name_H-M   'P 21 21 21'
#
loop_
_entity.id
_entity.type
_entity.pdbx_description
1 polymer Aminoacylase-1
2 polymer Aminoacylase-1
3 non-polymer 'ZINC ION'
4 non-polymer GLYCINE
5 water water
#
loop_
_entity_poly.entity_id
_entity_poly.type
_entity_poly.pdbx_seq_one_letter_code
_entity_poly.pdbx_strand_id
1 'polypeptide(L)'
;MTSKGPEEEHPSVTLFRQYLRIRTVQPKPDYGAAVAFFEETARQLGLGCQKVEVAPGYVVTVLTWPGTNPTLSSILLNSH
TDVVPVFKEHWSHDPFEAFKDSEGYIYARGAQDMKCVSIQYLEAVRRLKVEGHRFPRTIHMTFVPDEEVGGHQGMELFVQ
RPEFHALRAGFALDEGIANPTDAFTVFYSERSPWWVRV
;
A,C
2 'polypeptide(L)'
;NPWWAAFSRVCKDMNLTLEPEIMPAAGDNRYIRAVGVPALGFSPMNRTPVLLHDHDERLHEAVFLRGVDIYTRLLPALAS
VPALPSDS
;
B,D
#
loop_
_chem_comp.id
_chem_comp.type
_chem_comp.name
_chem_comp.formula
ZN non-polymer 'ZINC ION' 'Zn 2'
#
# COMPACT_ATOMS: atom_id res chain seq x y z
N GLU A 7 -5.62 1.31 36.55
CA GLU A 7 -4.94 -0.01 36.25
C GLU A 7 -3.43 0.15 36.02
N GLU A 8 -2.66 -0.86 36.44
CA GLU A 8 -1.23 -0.86 36.23
C GLU A 8 -0.92 -1.08 34.76
N GLU A 9 -0.08 -0.22 34.17
CA GLU A 9 0.20 -0.24 32.71
C GLU A 9 1.45 0.56 32.47
N HIS A 10 2.27 0.17 31.51
CA HIS A 10 3.45 0.97 31.20
C HIS A 10 2.99 2.31 30.65
N PRO A 11 3.56 3.43 31.13
CA PRO A 11 3.06 4.76 30.69
C PRO A 11 3.21 4.99 29.19
N SER A 12 4.17 4.37 28.53
CA SER A 12 4.22 4.51 27.07
C SER A 12 2.97 3.91 26.39
N VAL A 13 2.53 2.75 26.90
CA VAL A 13 1.32 2.10 26.42
C VAL A 13 0.09 2.96 26.70
N THR A 14 0.02 3.52 27.91
CA THR A 14 -1.07 4.42 28.20
C THR A 14 -1.16 5.63 27.24
N LEU A 15 -0.03 6.22 26.90
CA LEU A 15 0.02 7.32 25.94
C LEU A 15 -0.40 6.86 24.53
N PHE A 16 0.10 5.70 24.14
CA PHE A 16 -0.30 5.12 22.86
C PHE A 16 -1.81 4.97 22.81
N ARG A 17 -2.41 4.39 23.86
CA ARG A 17 -3.84 4.15 23.82
C ARG A 17 -4.61 5.50 23.79
N GLN A 18 -4.13 6.50 24.55
CA GLN A 18 -4.75 7.82 24.49
C GLN A 18 -4.78 8.32 23.05
N TYR A 19 -3.65 8.25 22.36
CA TYR A 19 -3.59 8.84 21.01
C TYR A 19 -4.43 7.99 20.01
N LEU A 20 -4.49 6.68 20.21
CA LEU A 20 -5.38 5.82 19.40
C LEU A 20 -6.86 6.20 19.51
N ARG A 21 -7.25 6.80 20.64
CA ARG A 21 -8.63 7.16 20.84
C ARG A 21 -8.99 8.51 20.18
N ILE A 22 -7.99 9.25 19.70
CA ILE A 22 -8.28 10.49 18.98
C ILE A 22 -8.71 10.09 17.55
N ARG A 23 -9.91 10.53 17.16
CA ARG A 23 -10.56 9.98 15.96
C ARG A 23 -10.07 10.73 14.71
N THR A 24 -8.82 10.49 14.32
CA THR A 24 -8.25 11.12 13.09
C THR A 24 -8.59 10.27 11.86
N VAL A 25 -9.82 9.78 11.82
CA VAL A 25 -10.25 8.89 10.74
C VAL A 25 -10.74 9.68 9.52
N GLN A 26 -10.27 9.25 8.32
CA GLN A 26 -10.77 9.81 7.09
C GLN A 26 -12.30 9.47 6.95
N PRO A 27 -13.10 10.26 6.21
CA PRO A 27 -12.67 11.39 5.39
C PRO A 27 -12.62 12.76 6.13
N LYS A 28 -13.03 12.82 7.40
CA LYS A 28 -13.03 14.10 8.16
C LYS A 28 -12.31 13.85 9.51
N PRO A 29 -10.97 13.71 9.47
CA PRO A 29 -10.24 13.44 10.72
C PRO A 29 -10.37 14.55 11.77
N ASP A 30 -10.31 14.18 13.07
CA ASP A 30 -10.32 15.19 14.15
C ASP A 30 -8.86 15.70 14.30
N TYR A 31 -8.40 16.43 13.29
CA TYR A 31 -7.04 16.94 13.29
C TYR A 31 -6.85 17.98 14.40
N GLY A 32 -7.89 18.74 14.74
CA GLY A 32 -7.75 19.75 15.80
C GLY A 32 -7.31 19.08 17.09
N ALA A 33 -7.93 17.92 17.40
CA ALA A 33 -7.58 17.22 18.65
C ALA A 33 -6.15 16.62 18.57
N ALA A 34 -5.75 16.15 17.39
CA ALA A 34 -4.38 15.60 17.25
C ALA A 34 -3.35 16.72 17.42
N VAL A 35 -3.58 17.87 16.76
CA VAL A 35 -2.62 19.01 16.90
C VAL A 35 -2.53 19.42 18.37
N ALA A 36 -3.69 19.48 19.06
CA ALA A 36 -3.67 19.87 20.47
C ALA A 36 -2.88 18.87 21.32
N PHE A 37 -3.04 17.57 21.00
CA PHE A 37 -2.28 16.54 21.71
C PHE A 37 -0.78 16.74 21.48
N PHE A 38 -0.34 17.02 20.27
CA PHE A 38 1.08 17.19 20.05
C PHE A 38 1.60 18.46 20.69
N GLU A 39 0.81 19.53 20.67
CA GLU A 39 1.21 20.79 21.33
C GLU A 39 1.41 20.55 22.81
N GLU A 40 0.46 19.85 23.44
CA GLU A 40 0.56 19.61 24.89
C GLU A 40 1.73 18.68 25.19
N THR A 41 1.95 17.69 24.31
CA THR A 41 3.09 16.82 24.51
C THR A 41 4.40 17.62 24.41
N ALA A 42 4.49 18.53 23.44
CA ALA A 42 5.70 19.35 23.29
C ALA A 42 5.93 20.14 24.59
N ARG A 43 4.86 20.68 25.16
CA ARG A 43 5.03 21.49 26.38
C ARG A 43 5.51 20.54 27.52
N GLN A 44 4.91 19.38 27.67
CA GLN A 44 5.35 18.45 28.74
C GLN A 44 6.79 17.98 28.59
N LEU A 45 7.23 17.80 27.34
CA LEU A 45 8.55 17.24 27.05
C LEU A 45 9.59 18.33 26.96
N GLY A 46 9.18 19.61 26.97
CA GLY A 46 10.12 20.72 26.76
C GLY A 46 10.72 20.68 25.37
N LEU A 47 9.85 20.54 24.37
CA LEU A 47 10.26 20.55 22.94
C LEU A 47 9.69 21.81 22.29
N GLY A 48 10.38 22.34 21.31
CA GLY A 48 9.83 23.47 20.60
C GLY A 48 8.72 22.95 19.68
N CYS A 49 7.73 23.79 19.41
CA CYS A 49 6.55 23.38 18.66
C CYS A 49 6.26 24.44 17.61
N GLN A 50 6.18 24.01 16.33
CA GLN A 50 5.80 24.93 15.27
C GLN A 50 4.62 24.28 14.53
N LYS A 51 3.55 25.05 14.31
CA LYS A 51 2.41 24.61 13.52
C LYS A 51 2.46 25.31 12.17
N VAL A 52 2.39 24.54 11.11
CA VAL A 52 2.51 25.08 9.76
C VAL A 52 1.26 24.66 8.99
N GLU A 53 0.38 25.64 8.69
CA GLU A 53 -0.93 25.32 8.11
C GLU A 53 -0.78 25.37 6.59
N VAL A 54 -0.43 24.25 6.01
CA VAL A 54 -0.09 24.19 4.59
C VAL A 54 -1.26 24.43 3.69
N ALA A 55 -2.44 24.13 4.16
CA ALA A 55 -3.71 24.34 3.43
C ALA A 55 -4.77 24.57 4.51
N PRO A 56 -5.87 25.30 4.26
CA PRO A 56 -6.80 25.60 5.36
C PRO A 56 -7.39 24.29 5.92
N GLY A 57 -7.17 24.08 7.21
CA GLY A 57 -7.61 22.90 7.88
C GLY A 57 -6.56 21.82 7.97
N TYR A 58 -5.35 22.07 7.46
CA TYR A 58 -4.32 21.04 7.34
C TYR A 58 -3.02 21.55 7.98
N VAL A 59 -2.89 21.29 9.30
CA VAL A 59 -1.72 21.78 10.08
C VAL A 59 -0.68 20.68 10.20
N VAL A 60 0.52 20.98 9.77
CA VAL A 60 1.68 20.13 10.08
C VAL A 60 2.25 20.57 11.40
N THR A 61 2.52 19.64 12.32
CA THR A 61 3.11 20.01 13.61
C THR A 61 4.52 19.50 13.69
N VAL A 62 5.46 20.38 14.03
CA VAL A 62 6.85 19.99 14.09
C VAL A 62 7.26 20.17 15.56
N LEU A 63 7.77 19.11 16.15
CA LEU A 63 8.39 19.17 17.54
C LEU A 63 9.87 19.06 17.40
N THR A 64 10.61 19.92 18.08
CA THR A 64 12.05 20.02 17.82
C THR A 64 12.87 19.86 19.08
N TRP A 65 13.90 19.00 18.99
CA TRP A 65 14.90 18.85 20.09
C TRP A 65 16.28 19.28 19.54
N PRO A 66 16.68 20.54 19.73
CA PRO A 66 17.90 21.04 19.12
C PRO A 66 19.14 20.25 19.59
N GLY A 67 20.04 19.94 18.66
CA GLY A 67 21.30 19.27 18.94
C GLY A 67 22.35 20.20 19.46
N THR A 68 23.49 19.63 19.81
CA THR A 68 24.61 20.46 20.26
C THR A 68 25.37 21.12 19.12
N ASN A 69 25.18 20.68 17.87
CA ASN A 69 25.81 21.33 16.73
C ASN A 69 24.67 21.70 15.76
N PRO A 70 23.93 22.78 16.02
CA PRO A 70 22.68 23.02 15.30
C PRO A 70 22.93 23.41 13.87
N THR A 71 24.19 23.60 13.44
CA THR A 71 24.38 23.89 12.03
C THR A 71 24.44 22.59 11.16
N LEU A 72 24.63 21.40 11.76
CA LEU A 72 24.54 20.10 11.02
C LEU A 72 23.11 19.91 10.55
N SER A 73 22.95 19.17 9.45
CA SER A 73 21.59 18.85 9.02
C SER A 73 20.89 17.91 10.02
N SER A 74 19.59 17.96 10.03
CA SER A 74 18.81 17.34 11.13
C SER A 74 18.31 15.98 10.77
N ILE A 75 17.85 15.28 11.82
CA ILE A 75 17.15 14.02 11.68
C ILE A 75 15.67 14.28 11.72
N LEU A 76 14.94 13.87 10.68
CA LEU A 76 13.47 13.98 10.70
C LEU A 76 12.84 12.67 11.05
N LEU A 77 12.01 12.67 12.08
CA LEU A 77 11.25 11.48 12.48
C LEU A 77 9.80 11.80 12.10
N ASN A 78 9.39 11.30 10.92
CA ASN A 78 8.12 11.77 10.32
C ASN A 78 7.03 10.71 10.47
N SER A 79 5.77 11.17 10.50
CA SER A 79 4.67 10.24 10.56
C SER A 79 3.40 10.99 10.17
N HIS A 80 2.38 10.23 9.83
CA HIS A 80 1.09 10.79 9.45
C HIS A 80 0.08 10.54 10.58
N THR A 81 -0.83 11.50 10.79
CA THR A 81 -1.78 11.43 11.92
C THR A 81 -3.13 10.84 11.51
N ASP A 82 -3.45 10.83 10.21
CA ASP A 82 -4.73 10.28 9.75
C ASP A 82 -4.67 8.74 9.65
N VAL A 83 -5.86 8.13 9.74
CA VAL A 83 -6.02 6.70 9.54
C VAL A 83 -7.15 6.45 8.58
N VAL A 84 -7.13 5.29 7.92
CA VAL A 84 -8.19 4.97 6.94
C VAL A 84 -9.50 4.66 7.64
N PRO A 85 -10.63 4.67 6.93
CA PRO A 85 -11.93 4.35 7.55
C PRO A 85 -12.05 2.91 8.05
N VAL A 86 -13.20 2.65 8.69
CA VAL A 86 -13.51 1.31 9.23
C VAL A 86 -14.90 0.87 8.81
N PHE A 87 -15.10 -0.45 8.75
CA PHE A 87 -16.44 -1.04 8.77
C PHE A 87 -16.58 -1.62 10.18
N LYS A 88 -17.15 -0.84 11.10
CA LYS A 88 -16.94 -1.16 12.52
C LYS A 88 -17.69 -2.47 12.88
N GLU A 89 -18.72 -2.83 12.13
CA GLU A 89 -19.45 -4.13 12.38
C GLU A 89 -18.54 -5.36 12.27
N HIS A 90 -17.40 -5.22 11.58
CA HIS A 90 -16.50 -6.34 11.38
C HIS A 90 -15.44 -6.44 12.41
N TRP A 91 -15.45 -5.51 13.38
CA TRP A 91 -14.40 -5.53 14.42
C TRP A 91 -14.81 -6.24 15.71
N SER A 92 -13.80 -6.79 16.36
CA SER A 92 -13.96 -7.49 17.66
C SER A 92 -14.08 -6.53 18.81
N HIS A 93 -13.45 -5.38 18.67
CA HIS A 93 -13.50 -4.29 19.64
C HIS A 93 -13.60 -2.97 18.89
N ASP A 94 -14.22 -1.96 19.49
CA ASP A 94 -14.42 -0.63 18.82
C ASP A 94 -13.08 -0.13 18.32
N PRO A 95 -12.97 0.18 17.02
CA PRO A 95 -11.65 0.59 16.49
C PRO A 95 -11.07 1.87 17.09
N PHE A 96 -11.88 2.69 17.75
CA PHE A 96 -11.36 3.91 18.41
C PHE A 96 -11.39 3.86 19.92
N GLU A 97 -11.64 2.67 20.50
CA GLU A 97 -11.57 2.49 21.96
C GLU A 97 -10.16 2.24 22.45
N ALA A 98 -9.32 1.67 21.59
CA ALA A 98 -8.00 1.16 21.99
C ALA A 98 -8.08 0.16 23.16
N PHE A 99 -9.06 -0.74 23.09
CA PHE A 99 -9.16 -1.85 24.06
C PHE A 99 -7.87 -2.67 24.01
N LYS A 100 -7.39 -3.05 25.19
CA LYS A 100 -6.25 -3.95 25.32
C LYS A 100 -6.78 -5.22 25.97
N ASP A 101 -6.63 -6.34 25.28
CA ASP A 101 -7.13 -7.61 25.85
C ASP A 101 -6.22 -8.21 26.89
N SER A 102 -6.67 -9.29 27.53
CA SER A 102 -5.90 -9.86 28.63
C SER A 102 -4.64 -10.57 28.18
N GLU A 103 -4.52 -10.83 26.86
CA GLU A 103 -3.27 -11.36 26.29
C GLU A 103 -2.30 -10.25 25.78
N GLY A 104 -2.67 -8.99 25.98
CA GLY A 104 -1.79 -7.88 25.70
C GLY A 104 -1.98 -7.17 24.34
N TYR A 105 -2.98 -7.59 23.57
CA TYR A 105 -3.19 -7.04 22.24
C TYR A 105 -4.03 -5.76 22.30
N ILE A 106 -3.52 -4.69 21.66
CA ILE A 106 -4.22 -3.41 21.64
C ILE A 106 -4.90 -3.30 20.27
N TYR A 107 -6.24 -3.22 20.26
CA TYR A 107 -7.00 -3.18 18.99
C TYR A 107 -7.39 -1.75 18.67
N ALA A 108 -6.98 -1.23 17.53
CA ALA A 108 -7.41 0.11 17.11
C ALA A 108 -7.08 0.32 15.65
N ARG A 109 -7.93 1.12 14.97
CA ARG A 109 -7.51 1.65 13.67
C ARG A 109 -6.37 2.64 13.91
N GLY A 110 -5.20 2.38 13.31
CA GLY A 110 -3.98 3.12 13.63
C GLY A 110 -2.99 2.40 14.52
N ALA A 111 -3.36 1.26 15.11
CA ALA A 111 -2.42 0.58 16.01
C ALA A 111 -1.16 0.12 15.26
N GLN A 112 -1.30 -0.26 13.98
CA GLN A 112 -0.14 -0.56 13.12
C GLN A 112 0.23 0.60 12.20
N ASP A 113 -0.78 1.30 11.70
CA ASP A 113 -0.56 2.25 10.60
C ASP A 113 -1.17 3.62 10.96
N MET A 114 -0.44 4.55 11.59
CA MET A 114 0.96 4.33 11.99
C MET A 114 1.16 5.00 13.36
N LYS A 115 0.10 5.05 14.17
CA LYS A 115 0.20 5.87 15.42
C LYS A 115 1.17 5.26 16.41
N CYS A 116 1.42 3.96 16.33
CA CYS A 116 2.49 3.34 17.12
C CYS A 116 3.82 4.06 16.94
N VAL A 117 4.20 4.31 15.68
CA VAL A 117 5.49 4.91 15.41
C VAL A 117 5.53 6.33 15.98
N SER A 118 4.48 7.13 15.81
CA SER A 118 4.51 8.48 16.36
C SER A 118 4.78 8.47 17.86
N ILE A 119 4.10 7.58 18.57
CA ILE A 119 4.29 7.54 20.01
C ILE A 119 5.66 6.97 20.38
N GLN A 120 6.14 5.99 19.56
CA GLN A 120 7.49 5.51 19.78
C GLN A 120 8.54 6.59 19.63
N TYR A 121 8.40 7.45 18.63
CA TYR A 121 9.36 8.53 18.50
C TYR A 121 9.32 9.42 19.76
N LEU A 122 8.09 9.76 20.18
CA LEU A 122 7.92 10.71 21.31
C LEU A 122 8.48 10.13 22.58
N GLU A 123 8.22 8.85 22.84
CA GLU A 123 8.70 8.21 24.08
C GLU A 123 10.15 7.95 24.04
N ALA A 124 10.72 7.67 22.86
CA ALA A 124 12.20 7.51 22.75
C ALA A 124 12.87 8.86 23.03
N VAL A 125 12.34 9.94 22.45
CA VAL A 125 12.91 11.24 22.70
C VAL A 125 12.77 11.58 24.20
N ARG A 126 11.60 11.33 24.77
CA ARG A 126 11.39 11.69 26.16
C ARG A 126 12.43 10.98 27.03
N ARG A 127 12.61 9.67 26.81
CA ARG A 127 13.55 8.90 27.64
C ARG A 127 14.97 9.39 27.46
N LEU A 128 15.40 9.59 26.22
CA LEU A 128 16.81 9.95 25.99
C LEU A 128 17.02 11.36 26.62
N LYS A 129 16.06 12.29 26.41
CA LYS A 129 16.26 13.67 26.85
C LYS A 129 16.22 13.79 28.37
N VAL A 130 15.22 13.15 29.00
CA VAL A 130 15.08 13.28 30.46
C VAL A 130 16.20 12.52 31.17
N GLU A 131 16.81 11.52 30.51
CA GLU A 131 17.95 10.77 31.07
C GLU A 131 19.30 11.46 30.80
N GLY A 132 19.27 12.62 30.16
CA GLY A 132 20.47 13.44 30.07
C GLY A 132 21.34 13.19 28.85
N HIS A 133 20.78 12.58 27.79
CA HIS A 133 21.58 12.39 26.57
C HIS A 133 21.56 13.63 25.72
N ARG A 134 22.63 13.86 24.95
CA ARG A 134 22.64 14.98 23.98
C ARG A 134 23.38 14.51 22.74
N PHE A 135 22.91 14.89 21.56
CA PHE A 135 23.53 14.49 20.27
C PHE A 135 23.85 15.73 19.48
N PRO A 136 24.81 15.62 18.57
CA PRO A 136 25.17 16.78 17.73
C PRO A 136 23.96 17.23 16.87
N ARG A 137 23.21 16.31 16.24
CA ARG A 137 22.17 16.73 15.29
C ARG A 137 20.84 16.99 15.94
N THR A 138 20.21 18.10 15.53
CA THR A 138 18.83 18.35 15.91
C THR A 138 17.93 17.22 15.42
N ILE A 139 16.90 16.90 16.23
CA ILE A 139 15.87 15.97 15.81
C ILE A 139 14.57 16.75 15.70
N HIS A 140 13.87 16.60 14.57
CA HIS A 140 12.53 17.18 14.41
C HIS A 140 11.59 16.03 14.22
N MET A 141 10.51 16.01 14.99
CA MET A 141 9.41 15.08 14.75
C MET A 141 8.34 15.84 13.97
N THR A 142 7.97 15.36 12.78
CA THR A 142 6.95 16.05 11.96
C THR A 142 5.73 15.18 11.92
N PHE A 143 4.57 15.76 12.23
CA PHE A 143 3.30 14.99 12.25
C PHE A 143 2.42 15.62 11.19
N VAL A 144 2.18 14.89 10.08
CA VAL A 144 1.48 15.50 8.95
C VAL A 144 0.06 14.87 8.86
N PRO A 145 -0.91 15.67 8.41
CA PRO A 145 -2.22 15.13 8.01
C PRO A 145 -2.13 14.51 6.63
N ASP A 146 -3.24 13.88 6.22
CA ASP A 146 -3.58 13.66 4.80
C ASP A 146 -2.83 12.57 4.05
N GLU A 147 -2.01 11.75 4.72
CA GLU A 147 -1.23 10.75 3.99
C GLU A 147 -2.09 9.72 3.31
N GLU A 148 -3.20 9.33 3.94
CA GLU A 148 -3.94 8.17 3.42
C GLU A 148 -4.73 8.50 2.16
N VAL A 149 -4.75 9.80 1.77
CA VAL A 149 -5.41 10.17 0.50
C VAL A 149 -4.39 10.77 -0.45
N GLY A 150 -3.11 10.57 -0.16
CA GLY A 150 -2.10 10.90 -1.16
C GLY A 150 -1.24 12.10 -0.77
N GLY A 151 -1.57 12.72 0.37
CA GLY A 151 -0.66 13.76 0.91
C GLY A 151 -0.68 15.10 0.20
N HIS A 152 -1.68 15.31 -0.69
CA HIS A 152 -1.64 16.51 -1.50
C HIS A 152 -1.96 17.78 -0.74
N GLN A 153 -2.55 17.64 0.45
CA GLN A 153 -2.76 18.76 1.37
C GLN A 153 -1.95 18.51 2.66
N GLY A 154 -0.86 17.77 2.56
CA GLY A 154 -0.04 17.44 3.74
C GLY A 154 1.42 17.51 3.37
N MET A 155 2.10 16.36 3.39
CA MET A 155 3.54 16.32 3.15
C MET A 155 3.94 16.86 1.76
N GLU A 156 3.10 16.62 0.74
CA GLU A 156 3.50 17.08 -0.60
C GLU A 156 3.60 18.60 -0.59
N LEU A 157 2.69 19.30 0.10
CA LEU A 157 2.83 20.74 0.24
C LEU A 157 3.93 21.15 1.21
N PHE A 158 4.06 20.38 2.30
CA PHE A 158 5.02 20.83 3.32
C PHE A 158 6.44 20.92 2.77
N VAL A 159 6.83 20.04 1.83
CA VAL A 159 8.22 20.06 1.39
C VAL A 159 8.58 21.27 0.52
N GLN A 160 7.60 22.06 0.11
CA GLN A 160 7.91 23.33 -0.59
C GLN A 160 7.90 24.50 0.36
N ARG A 161 7.58 24.30 1.64
CA ARG A 161 7.42 25.45 2.55
C ARG A 161 8.78 25.97 3.04
N PRO A 162 8.88 27.28 3.31
CA PRO A 162 10.12 27.82 3.92
C PRO A 162 10.32 27.21 5.29
N GLU A 163 9.24 26.87 6.01
CA GLU A 163 9.43 26.26 7.32
C GLU A 163 10.07 24.86 7.21
N PHE A 164 9.75 24.16 6.12
CA PHE A 164 10.43 22.87 5.86
C PHE A 164 11.92 23.09 5.52
N HIS A 165 12.20 24.00 4.60
CA HIS A 165 13.59 24.23 4.19
C HIS A 165 14.40 24.61 5.43
N ALA A 166 13.77 25.38 6.33
CA ALA A 166 14.50 25.82 7.53
C ALA A 166 14.93 24.65 8.47
N LEU A 167 14.26 23.51 8.39
CA LEU A 167 14.65 22.32 9.17
C LEU A 167 16.01 21.79 8.77
N ARG A 168 16.42 22.08 7.52
CA ARG A 168 17.71 21.62 7.01
C ARG A 168 17.86 20.09 7.21
N ALA A 169 16.89 19.37 6.69
CA ALA A 169 16.84 17.94 6.84
C ALA A 169 18.04 17.24 6.23
N GLY A 170 18.64 16.34 7.01
CA GLY A 170 19.67 15.48 6.49
C GLY A 170 19.26 14.05 6.22
N PHE A 171 18.26 13.56 6.98
CA PHE A 171 17.84 12.16 6.85
C PHE A 171 16.50 12.03 7.53
N ALA A 172 15.59 11.26 6.91
CA ALA A 172 14.26 11.00 7.47
C ALA A 172 13.94 9.52 7.72
N LEU A 173 13.18 9.29 8.81
CA LEU A 173 12.45 8.04 8.97
C LEU A 173 10.96 8.28 8.81
N ASP A 174 10.28 7.29 8.28
CA ASP A 174 8.82 7.28 8.32
C ASP A 174 8.39 5.83 8.36
N GLU A 175 7.10 5.54 8.07
CA GLU A 175 6.59 4.20 8.38
C GLU A 175 7.20 3.07 7.55
N GLY A 176 7.16 1.87 8.11
CA GLY A 176 7.43 0.63 7.39
C GLY A 176 6.12 -0.15 7.33
N ILE A 177 6.18 -1.43 7.76
CA ILE A 177 4.99 -2.28 7.66
C ILE A 177 5.23 -3.41 8.62
N ALA A 178 4.17 -3.98 9.16
CA ALA A 178 4.35 -5.14 10.06
C ALA A 178 5.01 -6.32 9.31
N ASN A 179 5.72 -7.16 10.07
CA ASN A 179 6.26 -8.38 9.53
C ASN A 179 5.82 -9.53 10.46
N PRO A 180 5.20 -10.58 9.91
CA PRO A 180 4.70 -11.67 10.78
C PRO A 180 5.77 -12.59 11.31
N THR A 181 6.99 -12.46 10.80
CA THR A 181 8.10 -13.34 11.23
C THR A 181 8.93 -12.67 12.29
N ASP A 182 10.04 -13.29 12.68
CA ASP A 182 10.89 -12.60 13.65
C ASP A 182 11.62 -11.41 13.03
N ALA A 183 11.68 -11.32 11.69
CA ALA A 183 12.39 -10.22 11.02
C ALA A 183 11.58 -8.93 10.99
N PHE A 184 12.26 -7.83 10.69
CA PHE A 184 11.64 -6.56 10.48
C PHE A 184 11.85 -6.15 9.02
N THR A 185 10.82 -5.61 8.39
CA THR A 185 10.94 -5.02 7.06
C THR A 185 11.52 -3.62 7.13
N VAL A 186 12.36 -3.25 6.17
CA VAL A 186 12.80 -1.85 6.12
C VAL A 186 12.76 -1.44 4.65
N PHE A 187 12.10 -0.31 4.35
CA PHE A 187 12.07 0.22 2.96
C PHE A 187 13.36 0.99 2.71
N TYR A 188 14.13 0.53 1.74
CA TYR A 188 15.43 1.09 1.45
C TYR A 188 15.39 1.84 0.12
N SER A 189 16.08 2.99 0.07
CA SER A 189 16.16 3.78 -1.13
C SER A 189 17.51 4.52 -1.03
N GLU A 190 18.08 4.75 -2.16
CA GLU A 190 19.37 5.48 -2.16
C GLU A 190 19.38 6.33 -3.41
N ARG A 191 20.44 7.12 -3.53
CA ARG A 191 20.62 8.00 -4.68
C ARG A 191 19.28 8.77 -4.96
N SER A 192 18.78 8.84 -6.21
CA SER A 192 17.45 9.45 -6.53
C SER A 192 16.46 8.27 -6.47
N PRO A 193 15.27 8.45 -5.91
CA PRO A 193 14.37 7.30 -5.72
C PRO A 193 13.96 6.73 -7.07
N TRP A 194 13.58 5.46 -7.10
CA TRP A 194 13.42 4.78 -8.38
C TRP A 194 12.26 5.40 -9.20
N TRP A 195 11.26 6.00 -8.53
CA TRP A 195 10.06 6.51 -9.21
C TRP A 195 10.33 7.89 -9.88
N VAL A 196 11.52 8.44 -9.71
CA VAL A 196 11.91 9.64 -10.50
C VAL A 196 12.95 9.32 -11.57
N ARG A 197 13.26 8.03 -11.75
CA ARG A 197 14.29 7.57 -12.68
C ARG A 197 13.87 7.34 -14.19
N VAL A 198 12.60 7.40 -14.65
CA VAL A 198 11.41 8.09 -14.08
C VAL A 198 10.23 7.12 -13.86
N ASN B 1 26.46 5.12 2.07
CA ASN B 1 25.29 5.67 2.70
C ASN B 1 25.54 5.67 4.26
N PRO B 2 25.93 6.80 4.85
CA PRO B 2 26.21 6.84 6.29
C PRO B 2 24.98 6.60 7.16
N TRP B 3 23.80 6.95 6.66
CA TRP B 3 22.60 6.79 7.41
C TRP B 3 22.21 5.33 7.50
N TRP B 4 22.21 4.66 6.36
CA TRP B 4 21.99 3.20 6.35
C TRP B 4 23.07 2.50 7.19
N ALA B 5 24.33 2.95 7.11
CA ALA B 5 25.37 2.32 7.90
C ALA B 5 25.00 2.42 9.40
N ALA B 6 24.59 3.61 9.84
CA ALA B 6 24.29 3.77 11.30
C ALA B 6 23.04 2.97 11.71
N PHE B 7 22.01 3.00 10.85
CA PHE B 7 20.80 2.23 11.14
C PHE B 7 21.12 0.74 11.23
N SER B 8 21.89 0.26 10.24
CA SER B 8 22.23 -1.19 10.14
C SER B 8 23.11 -1.60 11.32
N ARG B 9 24.01 -0.71 11.78
CA ARG B 9 24.88 -1.03 12.90
C ARG B 9 24.04 -1.21 14.18
N VAL B 10 23.11 -0.29 14.43
CA VAL B 10 22.22 -0.46 15.62
C VAL B 10 21.43 -1.77 15.53
N CYS B 11 20.91 -2.08 14.36
CA CYS B 11 20.17 -3.35 14.26
C CYS B 11 21.09 -4.58 14.51
N LYS B 12 22.35 -4.54 14.07
CA LYS B 12 23.27 -5.62 14.39
C LYS B 12 23.52 -5.60 15.91
N ASP B 13 23.74 -4.43 16.52
CA ASP B 13 23.97 -4.36 17.99
C ASP B 13 22.81 -5.02 18.76
N MET B 14 21.59 -4.78 18.28
CA MET B 14 20.39 -5.31 18.95
C MET B 14 19.96 -6.71 18.51
N ASN B 15 20.71 -7.27 17.58
CA ASN B 15 20.45 -8.62 17.05
C ASN B 15 19.08 -8.66 16.29
N LEU B 16 18.74 -7.57 15.57
CA LEU B 16 17.48 -7.54 14.82
C LEU B 16 17.75 -8.02 13.42
N THR B 17 16.95 -8.95 12.93
CA THR B 17 17.11 -9.38 11.53
C THR B 17 16.32 -8.42 10.64
N LEU B 18 16.97 -7.81 9.65
CA LEU B 18 16.29 -6.88 8.75
C LEU B 18 16.09 -7.56 7.43
N GLU B 19 14.96 -7.23 6.80
CA GLU B 19 14.68 -7.60 5.42
C GLU B 19 14.48 -6.30 4.64
N PRO B 20 15.51 -5.81 3.94
CA PRO B 20 15.35 -4.61 3.12
C PRO B 20 14.44 -4.95 1.95
N GLU B 21 13.54 -4.02 1.66
CA GLU B 21 12.62 -4.17 0.53
C GLU B 21 12.62 -2.84 -0.23
N ILE B 22 12.15 -2.84 -1.49
CA ILE B 22 12.11 -1.62 -2.23
C ILE B 22 11.16 -0.62 -1.57
N MET B 23 11.42 0.67 -1.82
CA MET B 23 10.61 1.74 -1.17
C MET B 23 9.41 2.00 -2.06
N PRO B 24 8.19 1.94 -1.51
CA PRO B 24 7.03 2.22 -2.37
C PRO B 24 7.04 3.67 -2.81
N ALA B 25 6.46 3.91 -3.98
CA ALA B 25 6.31 5.26 -4.50
C ALA B 25 5.00 5.86 -3.94
N ALA B 26 4.93 5.96 -2.62
CA ALA B 26 3.73 6.36 -1.88
C ALA B 26 4.11 6.73 -0.50
N GLY B 27 3.21 7.42 0.18
CA GLY B 27 3.45 7.81 1.56
C GLY B 27 4.23 9.10 1.65
N ASP B 28 4.48 9.51 2.89
CA ASP B 28 5.24 10.72 3.14
C ASP B 28 6.62 10.67 2.49
N ASN B 29 7.27 9.51 2.55
CA ASN B 29 8.63 9.38 1.97
C ASN B 29 8.63 9.61 0.46
N ARG B 30 7.50 9.43 -0.24
CA ARG B 30 7.54 9.68 -1.69
C ARG B 30 8.00 11.11 -1.89
N TYR B 31 7.43 12.02 -1.07
CA TYR B 31 7.67 13.45 -1.26
C TYR B 31 9.03 13.87 -0.68
N ILE B 32 9.39 13.33 0.50
CA ILE B 32 10.64 13.66 1.10
C ILE B 32 11.82 13.19 0.22
N ARG B 33 11.73 11.97 -0.32
CA ARG B 33 12.81 11.44 -1.17
C ARG B 33 12.85 12.28 -2.47
N ALA B 34 11.68 12.62 -3.04
CA ALA B 34 11.64 13.35 -4.32
C ALA B 34 12.30 14.72 -4.19
N VAL B 35 12.36 15.33 -2.97
CA VAL B 35 13.09 16.60 -2.82
C VAL B 35 14.51 16.45 -2.36
N GLY B 36 14.99 15.22 -2.40
CA GLY B 36 16.42 14.92 -2.29
C GLY B 36 16.89 14.51 -0.89
N VAL B 37 15.94 14.29 0.03
CA VAL B 37 16.36 13.97 1.41
C VAL B 37 16.49 12.44 1.51
N PRO B 38 17.63 11.89 1.94
CA PRO B 38 17.72 10.42 2.14
C PRO B 38 16.70 9.97 3.20
N ALA B 39 16.18 8.75 3.06
CA ALA B 39 15.15 8.32 4.01
C ALA B 39 15.08 6.81 4.02
N LEU B 40 14.55 6.26 5.12
CA LEU B 40 14.14 4.84 5.18
C LEU B 40 12.72 4.79 5.68
N GLY B 41 12.03 3.69 5.30
CA GLY B 41 10.71 3.37 5.88
C GLY B 41 10.87 2.26 6.90
N PHE B 42 10.45 2.49 8.15
CA PHE B 42 10.69 1.45 9.18
C PHE B 42 9.64 1.65 10.28
N SER B 43 8.98 0.55 10.65
CA SER B 43 8.15 0.46 11.87
C SER B 43 8.58 -0.76 12.61
N PRO B 44 8.97 -0.69 13.89
CA PRO B 44 9.55 -1.88 14.57
C PRO B 44 8.47 -2.88 15.01
N MET B 45 7.80 -3.49 14.04
CA MET B 45 6.78 -4.50 14.32
C MET B 45 7.21 -5.80 13.71
N ASN B 46 7.60 -6.76 14.53
CA ASN B 46 7.83 -8.15 14.08
C ASN B 46 6.80 -9.02 14.81
N ARG B 47 6.74 -10.30 14.42
CA ARG B 47 5.75 -11.24 14.93
C ARG B 47 4.34 -10.63 14.96
N THR B 48 4.02 -9.84 13.92
CA THR B 48 2.76 -9.09 13.89
C THR B 48 2.13 -9.35 12.53
N PRO B 49 0.87 -9.79 12.52
CA PRO B 49 0.20 -9.99 11.20
C PRO B 49 0.05 -8.65 10.46
N VAL B 50 0.06 -8.68 9.13
CA VAL B 50 0.03 -7.45 8.34
C VAL B 50 -1.42 -6.99 8.26
N LEU B 51 -1.81 -6.01 9.08
CA LEU B 51 -3.21 -5.64 9.19
C LEU B 51 -3.49 -4.18 8.93
N LEU B 52 -2.54 -3.42 8.38
CA LEU B 52 -2.86 -2.04 8.00
C LEU B 52 -4.13 -2.05 7.12
N HIS B 53 -5.02 -1.09 7.39
CA HIS B 53 -6.27 -0.88 6.66
C HIS B 53 -7.30 -2.00 6.82
N ASP B 54 -7.05 -2.96 7.73
CA ASP B 54 -7.97 -4.10 7.89
C ASP B 54 -8.77 -4.04 9.19
N HIS B 55 -9.83 -4.84 9.27
CA HIS B 55 -10.55 -5.00 10.55
C HIS B 55 -9.59 -5.64 11.57
N ASP B 56 -9.80 -5.29 12.83
CA ASP B 56 -9.03 -5.84 13.95
C ASP B 56 -7.52 -5.57 13.86
N GLU B 57 -7.16 -4.46 13.21
CA GLU B 57 -5.79 -4.00 13.24
C GLU B 57 -5.38 -3.88 14.71
N ARG B 58 -4.22 -4.46 15.04
CA ARG B 58 -3.87 -4.60 16.47
C ARG B 58 -2.36 -4.73 16.59
N LEU B 59 -1.84 -4.41 17.77
CA LEU B 59 -0.42 -4.54 18.01
C LEU B 59 -0.26 -5.04 19.48
N HIS B 60 0.60 -6.04 19.68
CA HIS B 60 0.85 -6.50 21.05
C HIS B 60 1.66 -5.48 21.82
N GLU B 61 1.28 -5.25 23.09
CA GLU B 61 1.96 -4.22 23.84
C GLU B 61 3.47 -4.46 24.01
N ALA B 62 3.92 -5.73 24.06
CA ALA B 62 5.37 -5.97 24.25
C ALA B 62 6.15 -5.67 22.96
N VAL B 63 5.49 -5.85 21.79
CA VAL B 63 6.14 -5.47 20.53
C VAL B 63 6.22 -3.94 20.50
N PHE B 64 5.14 -3.27 20.89
CA PHE B 64 5.15 -1.82 20.95
C PHE B 64 6.29 -1.31 21.87
N LEU B 65 6.42 -1.90 23.05
CA LEU B 65 7.43 -1.41 24.03
C LEU B 65 8.84 -1.70 23.54
N ARG B 66 9.05 -2.90 22.97
CA ARG B 66 10.35 -3.17 22.37
C ARG B 66 10.64 -2.16 21.25
N GLY B 67 9.59 -1.73 20.51
CA GLY B 67 9.80 -0.71 19.48
C GLY B 67 10.29 0.61 20.05
N VAL B 68 9.76 1.03 21.21
CA VAL B 68 10.30 2.26 21.80
C VAL B 68 11.81 2.04 22.14
N ASP B 69 12.14 0.86 22.65
CA ASP B 69 13.55 0.59 22.98
C ASP B 69 14.42 0.69 21.73
N ILE B 70 13.96 0.11 20.60
CA ILE B 70 14.73 0.18 19.35
C ILE B 70 14.97 1.65 18.95
N TYR B 71 13.96 2.49 19.01
CA TYR B 71 14.19 3.90 18.65
C TYR B 71 15.15 4.58 19.65
N THR B 72 15.14 4.14 20.93
CA THR B 72 16.11 4.74 21.86
C THR B 72 17.56 4.40 21.49
N ARG B 73 17.77 3.36 20.69
CA ARG B 73 19.11 3.06 20.18
C ARG B 73 19.34 3.65 18.79
N LEU B 74 18.31 3.70 17.95
CA LEU B 74 18.48 4.32 16.61
C LEU B 74 18.74 5.82 16.67
N LEU B 75 18.03 6.51 17.55
CA LEU B 75 18.15 7.95 17.58
C LEU B 75 19.56 8.46 17.89
N PRO B 76 20.23 7.93 18.92
CA PRO B 76 21.62 8.37 19.19
C PRO B 76 22.53 8.08 18.01
N ALA B 77 22.33 6.93 17.36
CA ALA B 77 23.21 6.62 16.24
C ALA B 77 23.01 7.59 15.09
N LEU B 78 21.76 7.82 14.71
CA LEU B 78 21.48 8.68 13.53
C LEU B 78 21.87 10.10 13.86
N ALA B 79 21.56 10.57 15.07
CA ALA B 79 21.80 11.98 15.43
C ALA B 79 23.28 12.24 15.73
N SER B 80 24.13 11.18 15.77
CA SER B 80 25.56 11.33 16.03
C SER B 80 26.38 11.01 14.78
N VAL B 81 25.75 10.84 13.60
CA VAL B 81 26.56 10.68 12.40
C VAL B 81 27.40 11.95 12.22
N PRO B 82 28.74 11.85 12.11
CA PRO B 82 29.57 13.05 12.06
C PRO B 82 29.33 13.87 10.81
N ALA B 83 29.82 15.11 10.82
CA ALA B 83 29.59 16.05 9.74
C ALA B 83 29.99 15.40 8.42
N LEU B 84 29.12 15.62 7.40
CA LEU B 84 29.24 15.06 6.06
C LEU B 84 29.41 16.19 5.07
N PRO B 85 29.81 15.87 3.82
CA PRO B 85 29.79 16.88 2.75
C PRO B 85 28.41 17.55 2.62
N SER B 86 27.35 16.79 2.84
CA SER B 86 26.00 17.35 2.64
C SER B 86 25.64 18.34 3.74
N ASP B 87 26.41 18.42 4.83
CA ASP B 87 26.12 19.44 5.88
C ASP B 87 26.61 20.83 5.54
N SER B 88 27.50 20.94 4.53
CA SER B 88 28.01 22.28 4.18
C SER B 88 27.04 22.92 3.18
N GLU C 8 1.94 -32.09 -18.28
CA GLU C 8 1.87 -32.25 -16.80
C GLU C 8 1.59 -30.92 -16.08
N GLU C 9 2.35 -29.81 -16.32
CA GLU C 9 1.91 -28.51 -15.76
C GLU C 9 0.58 -28.09 -16.44
N HIS C 10 -0.36 -27.54 -15.69
CA HIS C 10 -1.63 -27.09 -16.25
C HIS C 10 -1.38 -25.92 -17.22
N PRO C 11 -2.01 -25.89 -18.41
CA PRO C 11 -1.72 -24.81 -19.36
C PRO C 11 -1.98 -23.39 -18.81
N SER C 12 -2.92 -23.22 -17.88
CA SER C 12 -3.12 -21.87 -17.30
C SER C 12 -1.90 -21.43 -16.50
N VAL C 13 -1.28 -22.39 -15.82
CA VAL C 13 -0.04 -22.10 -15.07
C VAL C 13 1.08 -21.77 -16.02
N THR C 14 1.19 -22.53 -17.12
CA THR C 14 2.20 -22.18 -18.16
C THR C 14 2.03 -20.75 -18.64
N LEU C 15 0.80 -20.36 -18.88
CA LEU C 15 0.57 -19.00 -19.39
C LEU C 15 0.91 -17.95 -18.32
N PHE C 16 0.49 -18.21 -17.07
CA PHE C 16 0.87 -17.31 -15.94
C PHE C 16 2.38 -17.16 -15.86
N ARG C 17 3.10 -18.28 -15.91
CA ARG C 17 4.56 -18.22 -15.83
C ARG C 17 5.15 -17.44 -16.99
N GLN C 18 4.58 -17.64 -18.19
CA GLN C 18 5.10 -16.87 -19.33
C GLN C 18 5.00 -15.34 -19.08
N TYR C 19 3.81 -14.90 -18.63
CA TYR C 19 3.57 -13.48 -18.46
C TYR C 19 4.47 -12.95 -17.31
N LEU C 20 4.69 -13.77 -16.27
CA LEU C 20 5.61 -13.35 -15.19
C LEU C 20 7.04 -13.15 -15.64
N ARG C 21 7.45 -13.75 -16.77
CA ARG C 21 8.80 -13.54 -17.26
C ARG C 21 8.95 -12.30 -18.11
N ILE C 22 7.85 -11.64 -18.45
CA ILE C 22 7.94 -10.37 -19.19
C ILE C 22 8.35 -9.29 -18.25
N ARG C 23 9.46 -8.62 -18.58
CA ARG C 23 10.07 -7.68 -17.63
C ARG C 23 9.39 -6.30 -17.64
N THR C 24 8.19 -6.25 -17.08
CA THR C 24 7.44 -4.98 -17.00
C THR C 24 7.79 -4.26 -15.67
N VAL C 25 9.07 -4.30 -15.29
CA VAL C 25 9.54 -3.79 -14.01
C VAL C 25 9.88 -2.31 -14.09
N GLN C 26 9.38 -1.53 -13.12
CA GLN C 26 9.77 -0.14 -12.97
C GLN C 26 11.29 -0.01 -12.74
N PRO C 27 11.90 1.11 -13.10
CA PRO C 27 11.24 2.31 -13.60
C PRO C 27 11.11 2.39 -15.11
N LYS C 28 11.61 1.36 -15.84
CA LYS C 28 11.47 1.33 -17.34
C LYS C 28 10.88 -0.02 -17.78
N PRO C 29 9.59 -0.22 -17.55
CA PRO C 29 9.00 -1.51 -17.91
C PRO C 29 9.09 -1.79 -19.41
N ASP C 30 9.24 -3.05 -19.81
CA ASP C 30 9.11 -3.41 -21.26
C ASP C 30 7.62 -3.51 -21.61
N TYR C 31 7.00 -2.34 -21.69
CA TYR C 31 5.59 -2.32 -22.01
C TYR C 31 5.35 -2.80 -23.44
N GLY C 32 6.28 -2.56 -24.35
CA GLY C 32 6.08 -3.07 -25.71
C GLY C 32 5.87 -4.58 -25.73
N ALA C 33 6.68 -5.35 -24.94
CA ALA C 33 6.53 -6.81 -24.89
C ALA C 33 5.18 -7.20 -24.26
N ALA C 34 4.77 -6.43 -23.26
CA ALA C 34 3.45 -6.71 -22.62
C ALA C 34 2.28 -6.45 -23.62
N VAL C 35 2.30 -5.30 -24.29
CA VAL C 35 1.27 -4.99 -25.29
C VAL C 35 1.26 -6.09 -26.36
N ALA C 36 2.45 -6.52 -26.82
CA ALA C 36 2.51 -7.59 -27.81
C ALA C 36 1.86 -8.89 -27.28
N PHE C 37 2.13 -9.23 -26.02
CA PHE C 37 1.53 -10.42 -25.41
C PHE C 37 -0.03 -10.35 -25.39
N PHE C 38 -0.58 -9.19 -25.01
CA PHE C 38 -2.03 -9.05 -25.02
C PHE C 38 -2.63 -9.04 -26.41
N GLU C 39 -1.93 -8.42 -27.40
CA GLU C 39 -2.43 -8.44 -28.77
C GLU C 39 -2.49 -9.84 -29.25
N GLU C 40 -1.43 -10.61 -29.03
CA GLU C 40 -1.42 -12.02 -29.44
C GLU C 40 -2.50 -12.86 -28.74
N THR C 41 -2.66 -12.61 -27.44
CA THR C 41 -3.67 -13.36 -26.70
C THR C 41 -5.04 -13.02 -27.27
N ALA C 42 -5.29 -11.77 -27.61
CA ALA C 42 -6.59 -11.39 -28.21
C ALA C 42 -6.80 -12.13 -29.50
N ARG C 43 -5.75 -12.18 -30.34
CA ARG C 43 -5.85 -12.93 -31.62
C ARG C 43 -6.24 -14.39 -31.36
N GLN C 44 -5.58 -15.04 -30.39
CA GLN C 44 -5.84 -16.46 -30.14
C GLN C 44 -7.22 -16.71 -29.59
N LEU C 45 -7.73 -15.76 -28.80
CA LEU C 45 -9.03 -15.91 -28.20
C LEU C 45 -10.16 -15.40 -29.09
N GLY C 46 -9.85 -14.75 -30.18
CA GLY C 46 -10.86 -14.10 -31.05
C GLY C 46 -11.57 -12.95 -30.35
N LEU C 47 -10.81 -12.16 -29.59
CA LEU C 47 -11.35 -11.00 -28.94
C LEU C 47 -10.95 -9.70 -29.68
N GLY C 48 -11.75 -8.67 -29.54
CA GLY C 48 -11.39 -7.35 -30.05
C GLY C 48 -10.20 -6.83 -29.27
N CYS C 49 -9.37 -6.00 -29.89
CA CYS C 49 -8.18 -5.42 -29.24
C CYS C 49 -8.03 -3.97 -29.68
N GLN C 50 -8.01 -3.08 -28.70
CA GLN C 50 -7.80 -1.64 -28.95
C GLN C 50 -6.63 -1.16 -28.09
N LYS C 51 -5.72 -0.39 -28.70
CA LYS C 51 -4.62 0.25 -28.00
C LYS C 51 -4.91 1.72 -27.90
N VAL C 52 -4.83 2.32 -26.71
CA VAL C 52 -5.11 3.74 -26.53
C VAL C 52 -3.85 4.32 -25.90
N GLU C 53 -3.12 5.14 -26.64
CA GLU C 53 -1.87 5.76 -26.14
C GLU C 53 -2.20 7.04 -25.39
N VAL C 54 -2.24 7.00 -24.06
CA VAL C 54 -2.71 8.10 -23.21
C VAL C 54 -1.62 9.16 -22.99
N ALA C 55 -0.36 8.75 -23.14
CA ALA C 55 0.85 9.65 -23.17
C ALA C 55 1.90 8.90 -23.99
N PRO C 56 2.89 9.59 -24.57
CA PRO C 56 3.83 8.90 -25.45
C PRO C 56 4.56 7.79 -24.60
N GLY C 57 4.50 6.56 -25.09
CA GLY C 57 5.15 5.46 -24.39
C GLY C 57 4.20 4.77 -23.41
N TYR C 58 2.97 5.21 -23.30
CA TYR C 58 2.04 4.66 -22.31
C TYR C 58 0.75 4.17 -22.99
N VAL C 59 0.71 2.89 -23.28
CA VAL C 59 -0.41 2.33 -24.09
C VAL C 59 -1.31 1.53 -23.16
N VAL C 60 -2.60 1.89 -23.15
CA VAL C 60 -3.64 1.12 -22.49
C VAL C 60 -4.16 0.10 -23.52
N THR C 61 -4.23 -1.17 -23.14
CA THR C 61 -4.71 -2.20 -24.06
C THR C 61 -6.07 -2.69 -23.56
N VAL C 62 -7.08 -2.69 -24.45
CA VAL C 62 -8.43 -3.17 -24.11
C VAL C 62 -8.79 -4.38 -24.95
N LEU C 63 -9.05 -5.51 -24.30
CA LEU C 63 -9.55 -6.70 -25.00
C LEU C 63 -11.03 -6.83 -24.74
N THR C 64 -11.81 -7.08 -25.80
CA THR C 64 -13.26 -7.01 -25.69
C THR C 64 -13.94 -8.28 -26.14
N TRP C 65 -14.84 -8.78 -25.31
CA TRP C 65 -15.73 -9.90 -25.71
C TRP C 65 -17.16 -9.29 -25.75
N PRO C 66 -17.63 -8.92 -26.96
CA PRO C 66 -18.93 -8.21 -27.09
C PRO C 66 -20.07 -9.06 -26.54
N GLY C 67 -20.97 -8.44 -25.80
CA GLY C 67 -22.17 -9.13 -25.30
C GLY C 67 -23.26 -9.20 -26.37
N THR C 68 -24.31 -9.90 -26.02
CA THR C 68 -25.39 -10.01 -27.02
C THR C 68 -26.36 -8.85 -26.97
N ASN C 69 -26.28 -8.03 -25.91
CA ASN C 69 -27.14 -6.88 -25.82
C ASN C 69 -26.29 -5.60 -25.71
N PRO C 70 -26.03 -4.91 -26.85
CA PRO C 70 -25.16 -3.70 -26.88
C PRO C 70 -25.80 -2.49 -26.15
N THR C 71 -27.02 -2.58 -25.59
CA THR C 71 -27.61 -1.45 -24.86
C THR C 71 -27.32 -1.56 -23.34
N LEU C 72 -26.74 -2.67 -22.87
CA LEU C 72 -26.42 -2.81 -21.43
C LEU C 72 -25.03 -2.32 -21.11
N SER C 73 -24.86 -1.72 -19.94
CA SER C 73 -23.50 -1.31 -19.51
C SER C 73 -22.56 -2.52 -19.38
N SER C 74 -21.27 -2.28 -19.58
CA SER C 74 -20.28 -3.37 -19.65
C SER C 74 -19.62 -3.69 -18.29
N ILE C 75 -19.01 -4.87 -18.28
CA ILE C 75 -18.20 -5.29 -17.14
C ILE C 75 -16.74 -5.02 -17.47
N LEU C 76 -16.06 -4.26 -16.60
CA LEU C 76 -14.61 -4.02 -16.79
C LEU C 76 -13.82 -4.96 -15.86
N LEU C 77 -12.87 -5.69 -16.43
CA LEU C 77 -11.96 -6.51 -15.61
C LEU C 77 -10.61 -5.80 -15.80
N ASN C 78 -10.20 -5.03 -14.79
CA ASN C 78 -9.06 -4.15 -14.94
C ASN C 78 -7.81 -4.66 -14.22
N SER C 79 -6.63 -4.33 -14.74
CA SER C 79 -5.38 -4.69 -14.04
C SER C 79 -4.27 -3.84 -14.58
N HIS C 80 -3.17 -3.75 -13.83
CA HIS C 80 -2.00 -3.02 -14.25
C HIS C 80 -0.87 -3.98 -14.62
N THR C 81 -0.09 -3.59 -15.63
CA THR C 81 0.92 -4.49 -16.19
C THR C 81 2.30 -4.26 -15.53
N ASP C 82 2.50 -3.12 -14.88
CA ASP C 82 3.80 -2.84 -14.25
C ASP C 82 3.94 -3.53 -12.90
N VAL C 83 5.21 -3.76 -12.55
CA VAL C 83 5.54 -4.35 -11.24
C VAL C 83 6.61 -3.45 -10.63
N VAL C 84 6.71 -3.50 -9.31
CA VAL C 84 7.74 -2.69 -8.65
C VAL C 84 9.13 -3.34 -8.75
N PRO C 85 10.19 -2.57 -8.53
CA PRO C 85 11.55 -3.10 -8.65
C PRO C 85 11.85 -4.24 -7.66
N VAL C 86 13.07 -4.77 -7.82
CA VAL C 86 13.58 -5.85 -6.94
C VAL C 86 14.99 -5.49 -6.49
N PHE C 87 15.35 -6.07 -5.34
CA PHE C 87 16.77 -6.19 -4.93
C PHE C 87 17.13 -7.66 -5.14
N LYS C 88 17.69 -7.94 -6.32
CA LYS C 88 17.81 -9.34 -6.79
C LYS C 88 18.61 -10.21 -5.84
N GLU C 89 19.61 -9.62 -5.18
CA GLU C 89 20.44 -10.44 -4.30
C GLU C 89 19.67 -11.02 -3.10
N HIS C 90 18.47 -10.47 -2.79
CA HIS C 90 17.68 -10.96 -1.69
C HIS C 90 16.68 -12.04 -2.09
N TRP C 91 16.64 -12.39 -3.38
CA TRP C 91 15.69 -13.39 -3.84
C TRP C 91 16.30 -14.82 -3.84
N SER C 92 15.43 -15.81 -3.61
CA SER C 92 15.82 -17.21 -3.59
C SER C 92 15.90 -17.74 -5.02
N HIS C 93 15.16 -17.13 -5.94
CA HIS C 93 15.12 -17.50 -7.36
C HIS C 93 15.01 -16.21 -8.15
N ASP C 94 15.52 -16.19 -9.36
CA ASP C 94 15.50 -15.00 -10.18
C ASP C 94 14.06 -14.46 -10.29
N PRO C 95 13.82 -13.21 -9.88
CA PRO C 95 12.42 -12.72 -9.85
C PRO C 95 11.69 -12.67 -11.20
N PHE C 96 12.44 -12.76 -12.31
CA PHE C 96 11.82 -12.73 -13.66
C PHE C 96 11.90 -14.06 -14.41
N GLU C 97 12.27 -15.10 -13.68
CA GLU C 97 12.26 -16.43 -14.28
C GLU C 97 11.07 -17.33 -13.97
N ALA C 98 10.20 -16.88 -13.06
CA ALA C 98 9.00 -17.63 -12.67
C ALA C 98 9.35 -19.09 -12.32
N PHE C 99 10.40 -19.29 -11.52
CA PHE C 99 10.73 -20.61 -10.98
C PHE C 99 9.55 -21.19 -10.22
N LYS C 100 9.27 -22.47 -10.38
CA LYS C 100 8.26 -23.16 -9.59
C LYS C 100 8.93 -24.24 -8.78
N ASP C 101 8.83 -24.15 -7.46
CA ASP C 101 9.58 -25.06 -6.62
C ASP C 101 8.87 -26.41 -6.47
N SER C 102 9.49 -27.27 -5.66
CA SER C 102 8.99 -28.64 -5.49
C SER C 102 7.74 -28.68 -4.66
N GLU C 103 7.38 -27.56 -4.05
CA GLU C 103 6.13 -27.48 -3.27
C GLU C 103 5.02 -26.84 -4.10
N GLY C 104 5.31 -26.45 -5.35
CA GLY C 104 4.29 -25.83 -6.22
C GLY C 104 4.22 -24.32 -6.16
N TYR C 105 5.15 -23.69 -5.42
CA TYR C 105 5.10 -22.21 -5.36
C TYR C 105 5.86 -21.60 -6.54
N ILE C 106 5.22 -20.62 -7.20
CA ILE C 106 5.83 -19.88 -8.29
C ILE C 106 6.37 -18.57 -7.77
N TYR C 107 7.68 -18.38 -7.90
CA TYR C 107 8.33 -17.18 -7.40
C TYR C 107 8.46 -16.16 -8.52
N ALA C 108 7.97 -14.93 -8.34
CA ALA C 108 8.16 -13.89 -9.34
C ALA C 108 7.74 -12.59 -8.80
N ARG C 109 8.41 -11.53 -9.24
CA ARG C 109 7.89 -10.20 -9.03
C ARG C 109 6.66 -10.05 -9.88
N GLY C 110 5.53 -9.81 -9.27
CA GLY C 110 4.25 -9.83 -9.94
C GLY C 110 3.37 -11.06 -9.72
N ALA C 111 3.90 -12.07 -9.04
CA ALA C 111 3.11 -13.30 -8.81
C ALA C 111 1.83 -12.99 -8.03
N GLN C 112 1.92 -12.09 -7.03
CA GLN C 112 0.76 -11.64 -6.29
C GLN C 112 0.20 -10.30 -6.79
N ASP C 113 1.08 -9.39 -7.22
CA ASP C 113 0.69 -8.00 -7.48
C ASP C 113 1.19 -7.58 -8.90
N MET C 114 0.39 -7.80 -9.96
CA MET C 114 -0.96 -8.40 -9.86
C MET C 114 -1.15 -9.26 -11.13
N LYS C 115 -0.05 -9.82 -11.64
CA LYS C 115 -0.14 -10.52 -12.95
C LYS C 115 -1.02 -11.78 -12.86
N CYS C 116 -1.09 -12.39 -11.67
CA CYS C 116 -2.03 -13.50 -11.46
C CYS C 116 -3.45 -13.14 -11.91
N VAL C 117 -3.94 -11.96 -11.51
CA VAL C 117 -5.33 -11.59 -11.78
C VAL C 117 -5.51 -11.37 -13.28
N SER C 118 -4.54 -10.74 -13.96
CA SER C 118 -4.71 -10.55 -15.41
C SER C 118 -4.83 -11.88 -16.14
N ILE C 119 -4.00 -12.85 -15.78
CA ILE C 119 -4.09 -14.14 -16.46
C ILE C 119 -5.33 -14.92 -16.02
N GLN C 120 -5.77 -14.75 -14.75
CA GLN C 120 -7.02 -15.34 -14.34
C GLN C 120 -8.21 -14.81 -15.16
N TYR C 121 -8.27 -13.50 -15.41
CA TYR C 121 -9.36 -12.98 -16.28
C TYR C 121 -9.30 -13.64 -17.65
N LEU C 122 -8.10 -13.68 -18.22
CA LEU C 122 -7.95 -14.18 -19.61
C LEU C 122 -8.33 -15.66 -19.72
N GLU C 123 -7.90 -16.48 -18.75
CA GLU C 123 -8.18 -17.89 -18.79
C GLU C 123 -9.66 -18.14 -18.47
N ALA C 124 -10.27 -17.30 -17.61
CA ALA C 124 -11.71 -17.47 -17.32
C ALA C 124 -12.51 -17.13 -18.61
N VAL C 125 -12.15 -16.05 -19.28
CA VAL C 125 -12.85 -15.72 -20.53
C VAL C 125 -12.61 -16.84 -21.56
N ARG C 126 -11.35 -17.33 -21.70
CA ARG C 126 -11.10 -18.44 -22.69
C ARG C 126 -12.03 -19.61 -22.35
N ARG C 127 -12.11 -20.03 -21.07
CA ARG C 127 -12.92 -21.19 -20.74
C ARG C 127 -14.40 -20.94 -21.01
N LEU C 128 -14.90 -19.78 -20.62
CA LEU C 128 -16.29 -19.51 -20.84
C LEU C 128 -16.64 -19.42 -22.33
N LYS C 129 -15.75 -18.82 -23.11
CA LYS C 129 -16.00 -18.65 -24.55
C LYS C 129 -15.95 -20.00 -25.27
N VAL C 130 -14.97 -20.85 -24.94
CA VAL C 130 -14.91 -22.18 -25.58
C VAL C 130 -16.08 -23.08 -25.20
N GLU C 131 -16.62 -22.83 -24.01
CA GLU C 131 -17.78 -23.56 -23.52
C GLU C 131 -19.09 -22.99 -24.08
N GLY C 132 -19.01 -22.03 -25.01
CA GLY C 132 -20.20 -21.69 -25.79
C GLY C 132 -21.04 -20.56 -25.22
N HIS C 133 -20.63 -20.00 -24.07
CA HIS C 133 -21.45 -18.94 -23.47
C HIS C 133 -21.42 -17.67 -24.32
N ARG C 134 -22.55 -16.96 -24.36
CA ARG C 134 -22.60 -15.61 -24.93
C ARG C 134 -23.49 -14.81 -23.97
N PHE C 135 -22.93 -13.90 -23.15
CA PHE C 135 -23.66 -13.20 -22.12
C PHE C 135 -24.23 -11.91 -22.67
N PRO C 136 -25.25 -11.41 -21.99
CA PRO C 136 -25.83 -10.12 -22.39
C PRO C 136 -24.86 -8.95 -22.35
N ARG C 137 -24.05 -8.85 -21.30
CA ARG C 137 -23.17 -7.71 -21.17
C ARG C 137 -21.80 -7.97 -21.76
N THR C 138 -21.26 -6.97 -22.44
CA THR C 138 -19.90 -6.98 -22.91
C THR C 138 -18.96 -6.99 -21.73
N ILE C 139 -17.87 -7.75 -21.91
CA ILE C 139 -16.77 -7.76 -20.96
C ILE C 139 -15.60 -7.08 -21.65
N HIS C 140 -14.97 -6.13 -20.96
CA HIS C 140 -13.72 -5.52 -21.43
C HIS C 140 -12.65 -5.84 -20.42
N MET C 141 -11.52 -6.35 -20.87
CA MET C 141 -10.34 -6.44 -19.97
C MET C 141 -9.41 -5.32 -20.37
N THR C 142 -9.11 -4.46 -19.40
CA THR C 142 -8.28 -3.26 -19.59
C THR C 142 -6.94 -3.52 -18.92
N PHE C 143 -5.85 -3.37 -19.66
CA PHE C 143 -4.49 -3.56 -19.07
C PHE C 143 -3.77 -2.23 -19.12
N VAL C 144 -3.54 -1.63 -17.96
CA VAL C 144 -2.93 -0.28 -17.89
C VAL C 144 -1.50 -0.31 -17.42
N PRO C 145 -0.67 0.59 -17.95
CA PRO C 145 0.68 0.81 -17.39
C PRO C 145 0.57 1.71 -16.16
N ASP C 146 1.72 1.84 -15.46
CA ASP C 146 1.98 3.00 -14.58
C ASP C 146 1.32 2.98 -13.21
N GLU C 147 0.65 1.88 -12.85
CA GLU C 147 -0.08 1.94 -11.56
C GLU C 147 0.84 2.07 -10.36
N GLU C 148 2.06 1.49 -10.44
CA GLU C 148 2.91 1.39 -9.23
C GLU C 148 3.57 2.72 -8.97
N VAL C 149 3.41 3.70 -9.86
CA VAL C 149 3.90 5.06 -9.58
C VAL C 149 2.76 6.05 -9.38
N GLY C 150 1.52 5.56 -9.29
CA GLY C 150 0.40 6.44 -8.99
C GLY C 150 -0.57 6.61 -10.15
N GLY C 151 -0.23 6.04 -11.31
CA GLY C 151 -1.21 5.93 -12.39
C GLY C 151 -1.39 7.24 -13.12
N HIS C 152 -0.50 8.20 -12.91
CA HIS C 152 -0.69 9.53 -13.50
C HIS C 152 -0.49 9.55 -15.04
N GLN C 153 0.19 8.53 -15.59
CA GLN C 153 0.32 8.35 -17.03
C GLN C 153 -0.32 7.04 -17.50
N GLY C 154 -1.31 6.59 -16.70
CA GLY C 154 -2.02 5.37 -17.05
C GLY C 154 -3.50 5.52 -16.77
N MET C 155 -4.03 4.86 -15.72
CA MET C 155 -5.47 4.90 -15.44
C MET C 155 -6.00 6.32 -15.16
N GLU C 156 -5.24 7.20 -14.50
CA GLU C 156 -5.77 8.51 -14.21
C GLU C 156 -6.10 9.24 -15.53
N LEU C 157 -5.29 9.09 -16.58
CA LEU C 157 -5.53 9.69 -17.90
C LEU C 157 -6.62 8.94 -18.59
N PHE C 158 -6.56 7.61 -18.52
CA PHE C 158 -7.50 6.80 -19.30
C PHE C 158 -8.97 7.08 -18.95
N VAL C 159 -9.27 7.32 -17.67
CA VAL C 159 -10.68 7.53 -17.29
C VAL C 159 -11.22 8.87 -17.78
N GLN C 160 -10.33 9.75 -18.28
CA GLN C 160 -10.76 11.04 -18.83
C GLN C 160 -10.92 10.97 -20.35
N ARG C 161 -10.60 9.82 -20.96
CA ARG C 161 -10.58 9.65 -22.43
C ARG C 161 -11.95 9.35 -23.02
N PRO C 162 -12.22 9.80 -24.27
CA PRO C 162 -13.45 9.36 -24.95
C PRO C 162 -13.50 7.84 -25.07
N GLU C 163 -12.36 7.18 -25.25
CA GLU C 163 -12.35 5.71 -25.45
C GLU C 163 -12.80 4.98 -24.19
N PHE C 164 -12.53 5.57 -23.03
CA PHE C 164 -13.07 5.05 -21.75
C PHE C 164 -14.58 5.28 -21.63
N HIS C 165 -15.07 6.52 -21.89
CA HIS C 165 -16.53 6.78 -21.88
C HIS C 165 -17.24 5.79 -22.83
N ALA C 166 -16.62 5.50 -24.00
CA ALA C 166 -17.27 4.61 -25.00
C ALA C 166 -17.48 3.15 -24.51
N LEU C 167 -16.72 2.74 -23.47
CA LEU C 167 -16.88 1.40 -22.91
C LEU C 167 -18.20 1.26 -22.19
N ARG C 168 -18.83 2.36 -21.78
CA ARG C 168 -20.15 2.36 -21.13
C ARG C 168 -20.08 1.41 -19.92
N ALA C 169 -19.01 1.56 -19.15
CA ALA C 169 -18.83 0.74 -17.98
C ALA C 169 -19.97 0.77 -16.98
N GLY C 170 -20.42 -0.43 -16.53
CA GLY C 170 -21.36 -0.57 -15.46
C GLY C 170 -20.74 -0.92 -14.13
N PHE C 171 -19.63 -1.69 -14.17
CA PHE C 171 -19.07 -2.22 -12.96
C PHE C 171 -17.66 -2.65 -13.31
N ALA C 172 -16.74 -2.49 -12.33
CA ALA C 172 -15.34 -2.90 -12.55
C ALA C 172 -14.78 -3.76 -11.39
N LEU C 173 -13.91 -4.70 -11.76
CA LEU C 173 -13.04 -5.39 -10.82
C LEU C 173 -11.61 -4.91 -11.06
N ASP C 174 -10.83 -4.88 -9.97
CA ASP C 174 -9.40 -4.71 -10.03
C ASP C 174 -8.79 -5.44 -8.83
N GLU C 175 -7.51 -5.19 -8.57
CA GLU C 175 -6.82 -6.00 -7.60
C GLU C 175 -7.31 -5.91 -6.16
N GLY C 176 -7.16 -7.03 -5.44
CA GLY C 176 -7.32 -7.02 -3.98
C GLY C 176 -5.94 -7.16 -3.37
N ILE C 177 -5.79 -8.14 -2.49
CA ILE C 177 -4.53 -8.41 -1.77
C ILE C 177 -4.55 -9.84 -1.26
N ALA C 178 -3.40 -10.47 -1.09
CA ALA C 178 -3.35 -11.83 -0.52
C ALA C 178 -3.92 -11.81 0.90
N ASN C 179 -4.47 -12.95 1.29
CA ASN C 179 -4.94 -13.15 2.66
C ASN C 179 -4.30 -14.48 3.11
N PRO C 180 -3.60 -14.51 4.25
CA PRO C 180 -2.88 -15.72 4.70
C PRO C 180 -3.82 -16.78 5.29
N THR C 181 -5.08 -16.42 5.55
CA THR C 181 -6.02 -17.38 6.17
C THR C 181 -6.87 -18.04 5.11
N ASP C 182 -7.91 -18.78 5.50
CA ASP C 182 -8.78 -19.41 4.48
C ASP C 182 -9.64 -18.39 3.77
N ALA C 183 -9.81 -17.22 4.36
CA ALA C 183 -10.70 -16.20 3.81
C ALA C 183 -10.04 -15.44 2.65
N PHE C 184 -10.87 -14.70 1.92
CA PHE C 184 -10.40 -13.80 0.85
C PHE C 184 -10.77 -12.38 1.23
N THR C 185 -9.84 -11.45 1.03
CA THR C 185 -10.11 -10.05 1.31
C THR C 185 -10.81 -9.43 0.11
N VAL C 186 -11.79 -8.54 0.34
CA VAL C 186 -12.38 -7.81 -0.80
C VAL C 186 -12.50 -6.37 -0.43
N PHE C 187 -12.04 -5.48 -1.29
CA PHE C 187 -12.15 -4.04 -1.03
C PHE C 187 -13.52 -3.59 -1.54
N TYR C 188 -14.31 -3.09 -0.60
CA TYR C 188 -15.71 -2.72 -0.81
C TYR C 188 -15.86 -1.22 -0.74
N SER C 189 -16.65 -0.64 -1.67
CA SER C 189 -16.88 0.81 -1.73
C SER C 189 -18.28 0.92 -2.30
N GLU C 190 -19.09 1.74 -1.68
CA GLU C 190 -20.43 2.02 -2.23
C GLU C 190 -20.61 3.53 -2.37
N ARG C 191 -21.70 3.90 -3.03
CA ARG C 191 -22.07 5.33 -3.23
C ARG C 191 -20.84 6.10 -3.85
N SER C 192 -20.48 7.27 -3.33
CA SER C 192 -19.27 8.02 -3.71
C SER C 192 -18.13 7.46 -2.84
N PRO C 193 -16.93 7.23 -3.37
CA PRO C 193 -15.88 6.63 -2.51
C PRO C 193 -15.45 7.59 -1.42
N TRP C 194 -14.94 7.05 -0.32
CA TRP C 194 -14.72 7.88 0.86
C TRP C 194 -13.74 9.00 0.60
N TRP C 195 -12.77 8.84 -0.32
CA TRP C 195 -11.71 9.80 -0.58
C TRP C 195 -12.18 10.97 -1.49
N VAL C 196 -13.45 10.98 -1.85
CA VAL C 196 -14.03 12.21 -2.49
C VAL C 196 -15.12 12.92 -1.66
N ARG C 197 -15.58 12.28 -0.59
CA ARG C 197 -16.49 12.83 0.43
C ARG C 197 -15.99 14.07 1.22
N ASN D 1 -25.68 -2.09 -5.03
CA ASN D 1 -26.44 -3.25 -4.58
C ASN D 1 -26.27 -4.41 -5.55
N PRO D 2 -26.68 -4.32 -6.81
CA PRO D 2 -26.85 -5.55 -7.59
C PRO D 2 -25.49 -6.23 -7.90
N TRP D 3 -24.42 -5.46 -8.02
CA TRP D 3 -23.12 -6.04 -8.39
C TRP D 3 -22.57 -6.77 -7.14
N TRP D 4 -22.59 -6.12 -5.99
CA TRP D 4 -22.24 -6.79 -4.75
C TRP D 4 -23.14 -8.02 -4.49
N ALA D 5 -24.42 -7.89 -4.80
CA ALA D 5 -25.30 -9.03 -4.60
C ALA D 5 -24.87 -10.23 -5.45
N ALA D 6 -24.58 -9.97 -6.72
CA ALA D 6 -24.16 -11.04 -7.62
C ALA D 6 -22.82 -11.63 -7.20
N PHE D 7 -21.86 -10.77 -6.90
CA PHE D 7 -20.53 -11.22 -6.44
C PHE D 7 -20.64 -12.07 -5.17
N SER D 8 -21.43 -11.57 -4.20
CA SER D 8 -21.62 -12.29 -2.92
C SER D 8 -22.31 -13.61 -3.06
N ARG D 9 -23.31 -13.68 -3.96
CA ARG D 9 -24.05 -14.93 -4.19
C ARG D 9 -23.11 -15.99 -4.77
N VAL D 10 -22.28 -15.59 -5.76
CA VAL D 10 -21.33 -16.57 -6.33
C VAL D 10 -20.35 -17.07 -5.24
N CYS D 11 -19.84 -16.13 -4.42
CA CYS D 11 -18.85 -16.58 -3.44
C CYS D 11 -19.50 -17.48 -2.41
N LYS D 12 -20.75 -17.19 -2.00
CA LYS D 12 -21.43 -18.08 -1.06
C LYS D 12 -21.67 -19.45 -1.67
N ASP D 13 -22.06 -19.46 -2.95
CA ASP D 13 -22.34 -20.74 -3.67
C ASP D 13 -21.06 -21.57 -3.73
N MET D 14 -19.88 -20.91 -3.81
CA MET D 14 -18.59 -21.64 -3.84
C MET D 14 -18.00 -21.89 -2.45
N ASN D 15 -18.77 -21.58 -1.39
CA ASN D 15 -18.30 -21.79 -0.01
C ASN D 15 -17.02 -21.01 0.29
N LEU D 16 -16.94 -19.80 -0.26
CA LEU D 16 -15.76 -18.94 0.03
C LEU D 16 -16.11 -18.01 1.19
N THR D 17 -15.16 -17.76 2.06
CA THR D 17 -15.41 -16.79 3.13
C THR D 17 -14.81 -15.46 2.67
N LEU D 18 -15.62 -14.40 2.70
CA LEU D 18 -15.16 -13.08 2.34
C LEU D 18 -14.94 -12.21 3.57
N GLU D 19 -13.86 -11.43 3.52
CA GLU D 19 -13.61 -10.39 4.54
C GLU D 19 -13.63 -9.02 3.84
N PRO D 20 -14.75 -8.33 3.84
CA PRO D 20 -14.79 -6.98 3.23
C PRO D 20 -13.90 -6.04 4.05
N GLU D 21 -13.15 -5.20 3.34
CA GLU D 21 -12.26 -4.19 3.97
C GLU D 21 -12.46 -2.91 3.25
N ILE D 22 -12.10 -1.80 3.89
CA ILE D 22 -12.31 -0.55 3.18
C ILE D 22 -11.46 -0.49 1.91
N MET D 23 -11.90 0.32 0.97
CA MET D 23 -11.18 0.40 -0.32
C MET D 23 -10.10 1.49 -0.18
N PRO D 24 -8.82 1.16 -0.43
CA PRO D 24 -7.78 2.19 -0.30
C PRO D 24 -7.98 3.25 -1.43
N ALA D 25 -7.50 4.47 -1.12
CA ALA D 25 -7.49 5.56 -2.06
C ALA D 25 -6.25 5.49 -2.93
N ALA D 26 -6.11 4.38 -3.63
CA ALA D 26 -4.88 4.10 -4.39
C ALA D 26 -5.23 3.05 -5.43
N GLY D 27 -4.36 2.90 -6.39
CA GLY D 27 -4.58 1.89 -7.41
C GLY D 27 -5.49 2.40 -8.51
N ASP D 28 -5.68 1.54 -9.50
CA ASP D 28 -6.58 1.86 -10.58
C ASP D 28 -7.97 2.26 -10.10
N ASN D 29 -8.46 1.56 -9.10
CA ASN D 29 -9.82 1.83 -8.63
C ASN D 29 -9.96 3.18 -7.96
N ARG D 30 -8.87 3.87 -7.56
CA ARG D 30 -9.02 5.22 -7.03
C ARG D 30 -9.67 6.05 -8.14
N TYR D 31 -9.25 5.84 -9.39
CA TYR D 31 -9.69 6.67 -10.52
C TYR D 31 -11.00 6.21 -11.06
N ILE D 32 -11.19 4.87 -11.16
CA ILE D 32 -12.45 4.33 -11.65
C ILE D 32 -13.58 4.71 -10.71
N ARG D 33 -13.39 4.59 -9.39
CA ARG D 33 -14.47 4.95 -8.46
C ARG D 33 -14.73 6.45 -8.44
N ALA D 34 -13.67 7.27 -8.60
CA ALA D 34 -13.83 8.73 -8.60
C ALA D 34 -14.67 9.21 -9.77
N VAL D 35 -14.63 8.51 -10.89
CA VAL D 35 -15.53 8.87 -12.03
C VAL D 35 -16.92 8.21 -12.01
N GLY D 36 -17.25 7.57 -10.90
CA GLY D 36 -18.59 7.10 -10.63
C GLY D 36 -18.90 5.66 -11.03
N VAL D 37 -17.90 4.89 -11.43
CA VAL D 37 -18.17 3.48 -11.77
C VAL D 37 -18.11 2.67 -10.49
N PRO D 38 -19.13 1.86 -10.23
CA PRO D 38 -19.09 0.92 -9.11
C PRO D 38 -17.94 -0.06 -9.30
N ALA D 39 -17.27 -0.41 -8.20
CA ALA D 39 -16.11 -1.35 -8.35
C ALA D 39 -15.85 -2.08 -7.05
N LEU D 40 -15.16 -3.22 -7.16
CA LEU D 40 -14.61 -3.93 -6.01
C LEU D 40 -13.14 -4.17 -6.33
N GLY D 41 -12.36 -4.32 -5.25
CA GLY D 41 -11.00 -4.80 -5.38
C GLY D 41 -10.96 -6.24 -4.90
N PHE D 42 -10.43 -7.15 -5.73
CA PHE D 42 -10.48 -8.55 -5.33
C PHE D 42 -9.38 -9.30 -6.11
N SER D 43 -8.57 -10.06 -5.40
CA SER D 43 -7.68 -11.07 -6.05
C SER D 43 -7.92 -12.38 -5.28
N PRO D 44 -8.25 -13.47 -5.95
CA PRO D 44 -8.60 -14.74 -5.27
C PRO D 44 -7.37 -15.47 -4.72
N MET D 45 -6.71 -14.85 -3.76
CA MET D 45 -5.56 -15.45 -3.08
C MET D 45 -5.84 -15.62 -1.61
N ASN D 46 -6.10 -16.86 -1.23
CA ASN D 46 -6.19 -17.21 0.21
C ASN D 46 -5.04 -18.14 0.56
N ARG D 47 -4.86 -18.41 1.86
CA ARG D 47 -3.73 -19.19 2.29
C ARG D 47 -2.40 -18.71 1.69
N THR D 48 -2.26 -17.39 1.53
CA THR D 48 -1.10 -16.82 0.83
C THR D 48 -0.52 -15.73 1.73
N PRO D 49 0.76 -15.77 2.05
CA PRO D 49 1.37 -14.67 2.80
C PRO D 49 1.30 -13.37 2.02
N VAL D 50 1.24 -12.24 2.71
CA VAL D 50 1.09 -10.97 2.04
C VAL D 50 2.47 -10.48 1.59
N LEU D 51 2.81 -10.67 0.31
CA LEU D 51 4.19 -10.43 -0.15
C LEU D 51 4.28 -9.44 -1.29
N LEU D 52 3.19 -8.69 -1.55
CA LEU D 52 3.33 -7.66 -2.58
C LEU D 52 4.53 -6.75 -2.26
N HIS D 53 5.30 -6.46 -3.32
CA HIS D 53 6.46 -5.58 -3.26
C HIS D 53 7.60 -6.12 -2.44
N ASP D 54 7.59 -7.39 -2.08
CA ASP D 54 8.65 -7.95 -1.23
C ASP D 54 9.53 -8.95 -2.00
N HIS D 55 10.71 -9.27 -1.45
CA HIS D 55 11.53 -10.34 -1.99
C HIS D 55 10.74 -11.65 -1.90
N ASP D 56 10.99 -12.56 -2.87
CA ASP D 56 10.40 -13.91 -2.87
C ASP D 56 8.86 -13.84 -2.88
N GLU D 57 8.32 -12.75 -3.47
CA GLU D 57 6.91 -12.75 -3.81
C GLU D 57 6.57 -14.03 -4.60
N ARG D 58 5.49 -14.71 -4.21
CA ARG D 58 5.23 -16.04 -4.74
C ARG D 58 3.75 -16.37 -4.57
N LEU D 59 3.28 -17.30 -5.38
CA LEU D 59 1.90 -17.72 -5.33
C LEU D 59 1.89 -19.24 -5.59
N HIS D 60 1.14 -19.99 -4.79
CA HIS D 60 1.03 -21.43 -5.04
C HIS D 60 0.19 -21.68 -6.32
N GLU D 61 0.61 -22.66 -7.13
CA GLU D 61 -0.11 -22.89 -8.36
C GLU D 61 -1.58 -23.33 -8.16
N ALA D 62 -1.87 -24.05 -7.05
CA ALA D 62 -3.22 -24.47 -6.80
C ALA D 62 -4.13 -23.30 -6.43
N VAL D 63 -3.57 -22.34 -5.69
CA VAL D 63 -4.34 -21.16 -5.34
C VAL D 63 -4.64 -20.37 -6.66
N PHE D 64 -3.60 -20.27 -7.52
CA PHE D 64 -3.75 -19.60 -8.82
C PHE D 64 -4.88 -20.32 -9.63
N LEU D 65 -4.83 -21.64 -9.69
CA LEU D 65 -5.81 -22.38 -10.52
C LEU D 65 -7.20 -22.24 -9.98
N ARG D 66 -7.36 -22.31 -8.64
CA ARG D 66 -8.68 -22.09 -8.05
C ARG D 66 -9.16 -20.66 -8.33
N GLY D 67 -8.22 -19.71 -8.44
CA GLY D 67 -8.57 -18.35 -8.79
C GLY D 67 -9.20 -18.24 -10.19
N VAL D 68 -8.67 -18.99 -11.18
CA VAL D 68 -9.30 -19.00 -12.50
C VAL D 68 -10.71 -19.58 -12.35
N ASP D 69 -10.87 -20.68 -11.58
CA ASP D 69 -12.20 -21.27 -11.38
C ASP D 69 -13.17 -20.21 -10.80
N ILE D 70 -12.72 -19.44 -9.80
CA ILE D 70 -13.59 -18.45 -9.19
C ILE D 70 -14.03 -17.40 -10.25
N TYR D 71 -13.12 -16.85 -11.06
CA TYR D 71 -13.57 -15.92 -12.09
C TYR D 71 -14.47 -16.60 -13.13
N THR D 72 -14.31 -17.90 -13.35
CA THR D 72 -15.16 -18.61 -14.34
C THR D 72 -16.60 -18.64 -13.78
N ARG D 73 -16.80 -18.57 -12.47
CA ARG D 73 -18.15 -18.51 -11.88
C ARG D 73 -18.62 -17.07 -11.72
N LEU D 74 -17.71 -16.13 -11.42
CA LEU D 74 -18.11 -14.74 -11.18
C LEU D 74 -18.53 -14.11 -12.51
N LEU D 75 -17.76 -14.34 -13.60
CA LEU D 75 -18.03 -13.59 -14.83
C LEU D 75 -19.45 -13.82 -15.38
N PRO D 76 -19.95 -15.07 -15.47
CA PRO D 76 -21.36 -15.24 -15.92
C PRO D 76 -22.35 -14.49 -15.06
N ALA D 77 -22.11 -14.43 -13.74
CA ALA D 77 -23.08 -13.79 -12.86
C ALA D 77 -23.05 -12.26 -13.13
N LEU D 78 -21.86 -11.66 -13.21
CA LEU D 78 -21.78 -10.20 -13.42
C LEU D 78 -22.29 -9.87 -14.80
N ALA D 79 -21.94 -10.67 -15.80
CA ALA D 79 -22.27 -10.28 -17.18
C ALA D 79 -23.75 -10.59 -17.50
N SER D 80 -24.43 -11.21 -16.53
CA SER D 80 -25.87 -11.56 -16.68
C SER D 80 -26.77 -10.76 -15.75
N VAL D 81 -26.23 -9.79 -15.02
CA VAL D 81 -27.09 -8.95 -14.14
C VAL D 81 -28.12 -8.26 -15.09
N PRO D 82 -29.42 -8.34 -14.78
CA PRO D 82 -30.45 -7.72 -15.66
C PRO D 82 -30.31 -6.19 -15.75
N ALA D 83 -30.96 -5.60 -16.76
CA ALA D 83 -31.02 -4.13 -16.94
C ALA D 83 -31.35 -3.45 -15.63
N LEU D 84 -30.57 -2.45 -15.28
CA LEU D 84 -30.73 -1.79 -13.99
C LEU D 84 -31.56 -0.52 -14.09
N PRO D 85 -32.19 -0.14 -12.97
CA PRO D 85 -33.06 1.04 -12.90
C PRO D 85 -32.26 2.19 -12.26
ZN ZN E . 0.55 4.81 6.91
ZN ZN F . -2.17 3.47 5.47
ZN ZN G . -0.98 -3.77 -7.81
ZN ZN H . 1.79 -2.81 -6.04
N GLY I . 1.57 4.19 2.12
CA GLY I . 1.63 3.37 3.41
C GLY I . 0.28 3.43 4.12
O GLY I . -0.19 4.08 5.15
OXT GLY I . -0.63 2.77 3.67
N GLY J . -1.95 -0.23 -4.84
CA GLY J . -1.85 -1.72 -4.62
C GLY J . -0.53 -2.07 -5.25
O GLY J . -0.19 -2.51 -6.43
OXT GLY J . 0.57 -2.01 -4.65
#